data_1G3X
#
_entry.id   1G3X
#
_cell.length_a   66.471
_cell.length_b   68.365
_cell.length_c   77.362
_cell.angle_alpha   90.00
_cell.angle_beta   90.00
_cell.angle_gamma   90.00
#
_symmetry.space_group_name_H-M   'P 21 21 21'
#
loop_
_entity.id
_entity.type
_entity.pdbx_description
1 polymer "5'-D(*CP*GP*CP*GP*AP*AP*TP*TP*CP*GP*CP*G)-3'"
2 polymer N(ALPHA)-(9-ACRIDINOYL)-TETRAARGININE-AMIDE
3 non-polymer 'MAGNESIUM ION'
4 water water
#
loop_
_entity_poly.entity_id
_entity_poly.type
_entity_poly.pdbx_seq_one_letter_code
_entity_poly.pdbx_strand_id
1 'polydeoxyribonucleotide' (DC)(DG)(DC)(DG)(DA)(DA)(DT)(DT)(DC)(DG)(DC)(DG) A,B,C,D,E,F,G,H,I,J,K,L
2 'polypeptide(L)' (9AC)RRRR M
#
# COMPACT_ATOMS: atom_id res chain seq x y z
N ARG M 2 -0.92 -5.23 -2.63
CA ARG M 2 -0.92 -4.72 -1.23
C ARG M 2 -1.02 -3.19 -1.21
N ARG M 3 -1.64 -2.65 -0.15
CA ARG M 3 -1.90 -1.20 -0.04
C ARG M 3 -0.66 -0.36 0.26
N ARG M 4 -0.87 0.78 0.95
CA ARG M 4 0.18 1.71 1.42
C ARG M 4 0.84 2.62 0.36
N ARG M 5 1.91 3.30 0.75
CA ARG M 5 2.64 4.22 -0.15
C ARG M 5 4.16 4.25 0.07
#